data_1MN9
#
_entry.id   1MN9
#
_cell.length_a   71.731
_cell.length_b   71.731
_cell.length_c   153.818
_cell.angle_alpha   90.00
_cell.angle_beta   90.00
_cell.angle_gamma   120.00
#
_symmetry.space_group_name_H-M   'P 31 2 1'
#
loop_
_entity.id
_entity.type
_entity.pdbx_description
1 polymer 'NDP kinase'
2 non-polymer 'MAGNESIUM ION'
3 non-polymer 'RIBAVIRIN TRIPHOSPHATE'
4 water water
#
_entity_poly.entity_id   1
_entity_poly.type   'polypeptide(L)'
_entity_poly.pdbx_seq_one_letter_code
;MSTNKVNKERTFLAVKPDGVARGLVGEIIARYEKKGFVLVGLKQLVPTKDLAESHYAEHKERPFFGGLVSFITSGPVVAM
VFEGKGVVASARLMIGVTNPLASAPGSIRGDFGVDVGRNIIGGSDSVESANREIALWFKPEELLTEVKPNPNLYE
;
_entity_poly.pdbx_strand_id   A,B,C
#
loop_
_chem_comp.id
_chem_comp.type
_chem_comp.name
_chem_comp.formula
MG non-polymer 'MAGNESIUM ION' 'Mg 2'
RTP RNA linking 'RIBAVIRIN TRIPHOSPHATE' 'C8 H15 N4 O14 P3'
#
# COMPACT_ATOMS: atom_id res chain seq x y z
N VAL A 6 -8.30 -22.77 -12.74
CA VAL A 6 -7.47 -23.65 -11.87
C VAL A 6 -6.25 -22.89 -11.35
N ASN A 7 -5.80 -23.28 -10.15
CA ASN A 7 -4.66 -22.65 -9.51
C ASN A 7 -3.32 -23.10 -10.08
N LYS A 8 -3.25 -23.27 -11.40
CA LYS A 8 -2.00 -23.70 -12.01
C LYS A 8 -1.46 -22.61 -12.90
N GLU A 9 -2.25 -21.56 -13.08
CA GLU A 9 -1.84 -20.46 -13.92
C GLU A 9 -0.45 -19.99 -13.52
N ARG A 10 0.37 -19.67 -14.51
CA ARG A 10 1.71 -19.20 -14.22
C ARG A 10 2.00 -17.94 -14.99
N THR A 11 2.86 -17.08 -14.45
CA THR A 11 3.18 -15.85 -15.14
C THR A 11 4.68 -15.67 -15.13
N PHE A 12 5.17 -14.84 -16.03
CA PHE A 12 6.59 -14.56 -16.09
C PHE A 12 6.81 -13.15 -15.57
N LEU A 13 7.77 -13.00 -14.66
CA LEU A 13 8.07 -11.68 -14.11
C LEU A 13 9.55 -11.52 -14.20
N ALA A 14 10.00 -10.29 -14.34
CA ALA A 14 11.43 -10.05 -14.41
C ALA A 14 11.82 -8.71 -13.80
N VAL A 15 12.80 -8.75 -12.90
CA VAL A 15 13.29 -7.54 -12.28
C VAL A 15 14.31 -7.01 -13.28
N LYS A 16 14.00 -5.87 -13.88
CA LYS A 16 14.88 -5.27 -14.85
C LYS A 16 16.17 -4.77 -14.18
N PRO A 17 17.18 -4.46 -14.99
CA PRO A 17 18.48 -3.99 -14.47
C PRO A 17 18.43 -2.90 -13.38
N ASP A 18 17.60 -1.88 -13.56
CA ASP A 18 17.51 -0.81 -12.58
C ASP A 18 17.00 -1.38 -11.24
N GLY A 19 16.00 -2.24 -11.33
CA GLY A 19 15.47 -2.87 -10.12
C GLY A 19 16.57 -3.63 -9.41
N VAL A 20 17.24 -4.52 -10.15
CA VAL A 20 18.33 -5.30 -9.59
C VAL A 20 19.42 -4.39 -9.04
N ALA A 21 19.77 -3.35 -9.80
CA ALA A 21 20.82 -2.43 -9.37
C ALA A 21 20.43 -1.61 -8.13
N ARG A 22 19.14 -1.32 -7.98
CA ARG A 22 18.69 -0.55 -6.83
C ARG A 22 18.46 -1.43 -5.60
N GLY A 23 18.75 -2.72 -5.74
CA GLY A 23 18.62 -3.68 -4.66
C GLY A 23 17.20 -3.98 -4.23
N LEU A 24 16.30 -4.11 -5.18
CA LEU A 24 14.90 -4.39 -4.89
C LEU A 24 14.48 -5.83 -5.18
N VAL A 25 15.43 -6.72 -5.42
CA VAL A 25 15.07 -8.10 -5.73
C VAL A 25 14.31 -8.79 -4.61
N GLY A 26 14.90 -8.80 -3.42
CA GLY A 26 14.28 -9.44 -2.28
C GLY A 26 12.89 -8.87 -1.98
N GLU A 27 12.83 -7.56 -1.89
CA GLU A 27 11.60 -6.85 -1.63
C GLU A 27 10.48 -7.29 -2.57
N ILE A 28 10.76 -7.29 -3.88
CA ILE A 28 9.77 -7.68 -4.87
C ILE A 28 9.33 -9.15 -4.74
N ILE A 29 10.30 -10.06 -4.61
CA ILE A 29 9.96 -11.47 -4.47
C ILE A 29 9.07 -11.64 -3.24
N ALA A 30 9.48 -11.01 -2.15
CA ALA A 30 8.75 -11.05 -0.89
C ALA A 30 7.27 -10.69 -1.04
N ARG A 31 6.96 -9.74 -1.92
CA ARG A 31 5.57 -9.36 -2.08
C ARG A 31 4.73 -10.47 -2.63
N TYR A 32 5.23 -11.14 -3.66
CA TYR A 32 4.52 -12.24 -4.29
C TYR A 32 4.45 -13.46 -3.38
N GLU A 33 5.48 -13.66 -2.55
CA GLU A 33 5.47 -14.77 -1.61
C GLU A 33 4.38 -14.51 -0.58
N LYS A 34 4.29 -13.27 -0.10
CA LYS A 34 3.28 -12.88 0.88
C LYS A 34 1.88 -13.01 0.33
N LYS A 35 1.74 -12.81 -0.98
CA LYS A 35 0.44 -12.86 -1.62
C LYS A 35 -0.07 -14.31 -1.67
N GLY A 36 0.86 -15.26 -1.63
CA GLY A 36 0.46 -16.66 -1.67
C GLY A 36 0.92 -17.42 -2.91
N PHE A 37 1.41 -16.70 -3.91
CA PHE A 37 1.87 -17.34 -5.12
C PHE A 37 3.13 -18.16 -4.84
N VAL A 38 3.32 -19.23 -5.62
CA VAL A 38 4.47 -20.10 -5.45
C VAL A 38 5.53 -19.88 -6.51
N LEU A 39 6.79 -19.91 -6.08
CA LEU A 39 7.90 -19.70 -7.00
C LEU A 39 8.25 -21.02 -7.69
N VAL A 40 8.05 -21.08 -9.00
CA VAL A 40 8.35 -22.29 -9.75
C VAL A 40 9.64 -22.17 -10.55
N GLY A 41 10.07 -20.93 -10.81
CA GLY A 41 11.29 -20.74 -11.57
C GLY A 41 11.99 -19.48 -11.12
N LEU A 42 13.30 -19.52 -10.97
CA LEU A 42 14.06 -18.35 -10.53
C LEU A 42 15.51 -18.40 -10.97
N LYS A 43 15.98 -17.33 -11.58
CA LYS A 43 17.38 -17.25 -12.01
C LYS A 43 17.81 -15.85 -12.44
N GLN A 44 19.11 -15.59 -12.34
CA GLN A 44 19.67 -14.31 -12.73
C GLN A 44 20.56 -14.53 -13.95
N LEU A 45 20.49 -13.61 -14.90
CA LEU A 45 21.28 -13.70 -16.12
C LEU A 45 21.40 -12.35 -16.78
N VAL A 46 22.12 -12.29 -17.88
CA VAL A 46 22.26 -11.03 -18.60
C VAL A 46 21.67 -11.24 -19.98
N PRO A 47 20.42 -10.80 -20.19
CA PRO A 47 19.77 -10.96 -21.50
C PRO A 47 20.68 -10.68 -22.68
N THR A 48 20.53 -11.51 -23.72
CA THR A 48 21.29 -11.39 -24.96
C THR A 48 20.39 -10.60 -25.90
N LYS A 49 20.99 -9.85 -26.81
CA LYS A 49 20.20 -9.05 -27.74
C LYS A 49 19.13 -9.89 -28.44
N ASP A 50 19.38 -11.19 -28.58
CA ASP A 50 18.40 -12.08 -29.21
C ASP A 50 17.18 -12.12 -28.31
N LEU A 51 17.38 -12.72 -27.14
CA LEU A 51 16.34 -12.88 -26.11
C LEU A 51 15.57 -11.58 -25.93
N ALA A 52 16.31 -10.48 -25.84
CA ALA A 52 15.72 -9.16 -25.65
C ALA A 52 14.69 -8.83 -26.72
N GLU A 53 15.10 -8.89 -27.99
CA GLU A 53 14.19 -8.58 -29.10
C GLU A 53 13.06 -9.58 -29.22
N SER A 54 13.34 -10.84 -28.90
CA SER A 54 12.32 -11.89 -28.95
C SER A 54 11.27 -11.58 -27.91
N HIS A 55 11.73 -11.21 -26.72
CA HIS A 55 10.86 -10.88 -25.61
C HIS A 55 9.97 -9.71 -25.97
N TYR A 56 10.57 -8.58 -26.31
CA TYR A 56 9.80 -7.40 -26.65
C TYR A 56 9.46 -7.32 -28.13
N ALA A 57 9.29 -8.48 -28.75
CA ALA A 57 8.96 -8.56 -30.17
C ALA A 57 7.81 -7.67 -30.59
N GLU A 58 6.78 -7.57 -29.75
CA GLU A 58 5.61 -6.76 -30.08
C GLU A 58 5.88 -5.25 -30.22
N HIS A 59 7.06 -4.80 -29.87
CA HIS A 59 7.36 -3.36 -29.94
C HIS A 59 8.48 -3.01 -30.92
N LYS A 60 8.89 -3.97 -31.74
CA LYS A 60 9.98 -3.76 -32.69
C LYS A 60 9.84 -2.51 -33.56
N GLU A 61 8.65 -1.94 -33.60
CA GLU A 61 8.43 -0.74 -34.40
C GLU A 61 8.31 0.55 -33.60
N ARG A 62 7.77 0.44 -32.38
CA ARG A 62 7.61 1.61 -31.54
C ARG A 62 8.93 2.32 -31.32
N PRO A 63 8.93 3.65 -31.39
CA PRO A 63 10.10 4.52 -31.22
C PRO A 63 10.97 4.32 -29.99
N PHE A 64 10.63 3.36 -29.14
CA PHE A 64 11.41 3.13 -27.92
C PHE A 64 12.04 1.75 -27.90
N PHE A 65 11.62 0.91 -28.84
CA PHE A 65 12.16 -0.45 -28.94
C PHE A 65 13.68 -0.44 -28.94
N GLY A 66 14.26 0.64 -29.44
CA GLY A 66 15.70 0.76 -29.48
C GLY A 66 16.29 0.71 -28.08
N GLY A 67 16.18 1.81 -27.36
CA GLY A 67 16.72 1.87 -26.00
C GLY A 67 16.22 0.77 -25.08
N LEU A 68 15.01 0.28 -25.31
CA LEU A 68 14.46 -0.78 -24.48
C LEU A 68 15.40 -1.96 -24.51
N VAL A 69 15.50 -2.60 -25.68
CA VAL A 69 16.36 -3.77 -25.89
C VAL A 69 17.79 -3.46 -25.44
N SER A 70 18.22 -2.23 -25.67
CA SER A 70 19.54 -1.78 -25.29
C SER A 70 19.72 -1.94 -23.79
N PHE A 71 18.88 -1.23 -23.03
CA PHE A 71 18.87 -1.23 -21.58
C PHE A 71 18.68 -2.63 -20.96
N ILE A 72 17.61 -3.30 -21.36
CA ILE A 72 17.28 -4.62 -20.85
C ILE A 72 18.45 -5.61 -20.88
N THR A 73 19.54 -5.23 -21.54
CA THR A 73 20.71 -6.10 -21.65
C THR A 73 21.98 -5.42 -21.14
N SER A 74 21.82 -4.24 -20.55
CA SER A 74 22.97 -3.51 -20.05
C SER A 74 23.43 -4.08 -18.72
N GLY A 75 22.70 -5.06 -18.19
CA GLY A 75 23.06 -5.64 -16.92
C GLY A 75 22.21 -6.82 -16.51
N PRO A 76 22.48 -7.41 -15.33
CA PRO A 76 21.70 -8.56 -14.88
C PRO A 76 20.21 -8.31 -14.73
N VAL A 77 19.46 -9.39 -14.87
CA VAL A 77 18.02 -9.38 -14.77
C VAL A 77 17.68 -10.67 -14.03
N VAL A 78 16.81 -10.60 -13.05
CA VAL A 78 16.44 -11.82 -12.36
C VAL A 78 15.04 -12.19 -12.83
N ALA A 79 14.98 -13.22 -13.67
CA ALA A 79 13.73 -13.69 -14.22
C ALA A 79 13.14 -14.70 -13.27
N MET A 80 11.82 -14.78 -13.23
CA MET A 80 11.15 -15.72 -12.33
C MET A 80 9.75 -16.08 -12.80
N VAL A 81 9.26 -17.22 -12.32
CA VAL A 81 7.93 -17.70 -12.67
C VAL A 81 7.17 -18.02 -11.41
N PHE A 82 5.98 -17.43 -11.28
CA PHE A 82 5.14 -17.66 -10.12
C PHE A 82 3.90 -18.40 -10.59
N GLU A 83 3.40 -19.28 -9.73
CA GLU A 83 2.22 -20.05 -10.05
C GLU A 83 1.14 -19.86 -9.00
N GLY A 84 -0.10 -19.72 -9.46
CA GLY A 84 -1.22 -19.53 -8.55
C GLY A 84 -2.47 -19.07 -9.26
N LYS A 85 -3.61 -19.20 -8.58
CA LYS A 85 -4.90 -18.82 -9.11
C LYS A 85 -4.92 -17.36 -9.61
N GLY A 86 -5.11 -17.18 -10.93
CA GLY A 86 -5.16 -15.84 -11.50
C GLY A 86 -3.93 -14.99 -11.26
N VAL A 87 -2.76 -15.62 -11.19
CA VAL A 87 -1.51 -14.92 -10.94
C VAL A 87 -1.13 -13.89 -12.01
N VAL A 88 -1.44 -14.16 -13.27
CA VAL A 88 -1.09 -13.23 -14.33
C VAL A 88 -1.73 -11.86 -14.14
N ALA A 89 -3.03 -11.84 -13.86
CA ALA A 89 -3.74 -10.60 -13.67
C ALA A 89 -3.37 -9.94 -12.35
N SER A 90 -3.27 -10.76 -11.30
CA SER A 90 -2.92 -10.23 -9.99
C SER A 90 -1.51 -9.63 -9.97
N ALA A 91 -0.56 -10.31 -10.60
CA ALA A 91 0.81 -9.83 -10.64
C ALA A 91 0.89 -8.45 -11.30
N ARG A 92 0.14 -8.27 -12.37
CA ARG A 92 0.15 -7.00 -13.07
C ARG A 92 -0.40 -5.93 -12.16
N LEU A 93 -1.50 -6.26 -11.48
CA LEU A 93 -2.13 -5.33 -10.56
C LEU A 93 -1.14 -4.85 -9.49
N MET A 94 -0.37 -5.79 -8.96
CA MET A 94 0.62 -5.48 -7.94
C MET A 94 1.77 -4.66 -8.49
N ILE A 95 1.96 -4.71 -9.79
CA ILE A 95 3.04 -3.97 -10.44
C ILE A 95 2.67 -2.50 -10.64
N GLY A 96 1.44 -2.28 -11.07
CA GLY A 96 0.97 -0.92 -11.31
C GLY A 96 0.75 -0.74 -12.81
N VAL A 97 0.90 0.48 -13.29
CA VAL A 97 0.73 0.76 -14.71
C VAL A 97 2.11 1.07 -15.32
N THR A 98 2.17 1.16 -16.65
CA THR A 98 3.45 1.41 -17.33
C THR A 98 4.23 2.62 -16.79
N ASN A 99 3.52 3.70 -16.47
CA ASN A 99 4.17 4.87 -15.92
C ASN A 99 4.17 4.81 -14.39
N PRO A 100 5.36 4.66 -13.79
CA PRO A 100 5.50 4.60 -12.33
C PRO A 100 4.83 5.76 -11.62
N LEU A 101 4.94 6.96 -12.19
CA LEU A 101 4.36 8.14 -11.59
C LEU A 101 2.85 8.05 -11.50
N ALA A 102 2.23 7.32 -12.40
CA ALA A 102 0.79 7.17 -12.39
C ALA A 102 0.35 5.93 -11.64
N SER A 103 1.30 5.19 -11.09
CA SER A 103 0.97 3.96 -10.36
C SER A 103 0.65 4.28 -8.92
N ALA A 104 -0.41 3.64 -8.42
CA ALA A 104 -0.86 3.86 -7.05
C ALA A 104 0.10 3.41 -5.98
N PRO A 105 0.07 4.10 -4.83
CA PRO A 105 0.96 3.71 -3.72
C PRO A 105 0.52 2.29 -3.36
N GLY A 106 1.47 1.43 -2.99
CA GLY A 106 1.10 0.07 -2.64
C GLY A 106 1.51 -0.90 -3.73
N SER A 107 1.55 -0.43 -4.97
CA SER A 107 1.95 -1.25 -6.10
C SER A 107 3.48 -1.11 -6.19
N ILE A 108 4.14 -2.02 -6.89
CA ILE A 108 5.59 -1.96 -6.99
C ILE A 108 6.11 -0.69 -7.67
N ARG A 109 5.62 -0.39 -8.87
CA ARG A 109 6.08 0.80 -9.55
C ARG A 109 5.66 2.05 -8.78
N GLY A 110 4.46 2.01 -8.21
CA GLY A 110 3.98 3.14 -7.46
C GLY A 110 4.88 3.48 -6.29
N ASP A 111 5.48 2.47 -5.67
CA ASP A 111 6.34 2.70 -4.52
C ASP A 111 7.81 2.92 -4.81
N PHE A 112 8.29 2.50 -5.98
CA PHE A 112 9.73 2.62 -6.26
C PHE A 112 10.22 3.34 -7.49
N GLY A 113 9.35 3.55 -8.47
CA GLY A 113 9.82 4.20 -9.69
C GLY A 113 9.28 5.57 -10.02
N VAL A 114 9.91 6.23 -10.99
CA VAL A 114 9.47 7.55 -11.42
C VAL A 114 9.54 7.71 -12.93
N ASP A 115 10.34 6.87 -13.59
CA ASP A 115 10.51 6.99 -15.04
C ASP A 115 10.00 5.77 -15.79
N VAL A 116 9.25 6.01 -16.86
CA VAL A 116 8.71 4.92 -17.68
C VAL A 116 9.82 4.01 -18.22
N GLY A 117 10.99 4.60 -18.49
CA GLY A 117 12.09 3.83 -19.00
C GLY A 117 12.77 2.97 -17.94
N ARG A 118 12.66 3.40 -16.69
CA ARG A 118 13.27 2.67 -15.58
C ARG A 118 12.15 2.29 -14.62
N ASN A 119 11.28 1.35 -15.02
CA ASN A 119 10.20 0.96 -14.14
C ASN A 119 10.33 -0.33 -13.33
N ILE A 120 11.55 -0.59 -12.86
CA ILE A 120 11.85 -1.73 -11.99
C ILE A 120 11.52 -3.15 -12.40
N ILE A 121 10.29 -3.39 -12.85
CA ILE A 121 9.90 -4.74 -13.15
C ILE A 121 8.96 -4.86 -14.34
N GLY A 122 8.93 -6.07 -14.92
CA GLY A 122 8.05 -6.35 -16.04
C GLY A 122 7.36 -7.67 -15.79
N GLY A 123 6.19 -7.85 -16.40
CA GLY A 123 5.46 -9.09 -16.22
C GLY A 123 4.45 -9.34 -17.32
N SER A 124 4.23 -10.62 -17.63
CA SER A 124 3.28 -11.00 -18.66
C SER A 124 1.93 -10.34 -18.47
N ASP A 125 1.36 -9.86 -19.58
CA ASP A 125 0.06 -9.19 -19.54
C ASP A 125 -1.14 -10.08 -19.89
N SER A 126 -0.90 -11.38 -20.08
CA SER A 126 -1.96 -12.33 -20.41
C SER A 126 -1.43 -13.75 -20.33
N VAL A 127 -2.32 -14.71 -20.14
CA VAL A 127 -1.91 -16.11 -20.06
C VAL A 127 -1.15 -16.49 -21.34
N GLU A 128 -1.59 -15.93 -22.46
CA GLU A 128 -0.95 -16.18 -23.74
C GLU A 128 0.49 -15.71 -23.64
N SER A 129 0.66 -14.40 -23.46
CA SER A 129 2.00 -13.80 -23.36
C SER A 129 2.87 -14.51 -22.34
N ALA A 130 2.24 -15.04 -21.29
CA ALA A 130 2.97 -15.75 -20.25
C ALA A 130 3.63 -17.00 -20.84
N ASN A 131 2.80 -17.98 -21.18
CA ASN A 131 3.26 -19.23 -21.76
C ASN A 131 4.38 -18.99 -22.75
N ARG A 132 4.19 -18.01 -23.61
CA ARG A 132 5.20 -17.68 -24.59
C ARG A 132 6.49 -17.21 -23.91
N GLU A 133 6.37 -16.18 -23.07
CA GLU A 133 7.53 -15.64 -22.38
C GLU A 133 8.20 -16.61 -21.44
N ILE A 134 7.42 -17.49 -20.81
CA ILE A 134 8.01 -18.48 -19.91
C ILE A 134 8.92 -19.39 -20.73
N ALA A 135 8.33 -20.08 -21.71
CA ALA A 135 9.06 -20.99 -22.58
C ALA A 135 10.27 -20.29 -23.17
N LEU A 136 10.10 -19.02 -23.48
CA LEU A 136 11.14 -18.22 -24.08
C LEU A 136 12.34 -18.02 -23.14
N TRP A 137 12.07 -17.87 -21.84
CA TRP A 137 13.11 -17.63 -20.85
C TRP A 137 13.60 -18.81 -20.04
N PHE A 138 12.74 -19.81 -19.85
CA PHE A 138 13.13 -20.97 -19.07
C PHE A 138 13.13 -22.29 -19.82
N LYS A 139 14.06 -23.16 -19.43
CA LYS A 139 14.15 -24.49 -20.01
C LYS A 139 13.31 -25.36 -19.10
N PRO A 140 12.44 -26.21 -19.68
CA PRO A 140 11.54 -27.12 -18.97
C PRO A 140 11.99 -27.67 -17.62
N GLU A 141 13.27 -28.04 -17.51
CA GLU A 141 13.76 -28.59 -16.26
C GLU A 141 14.18 -27.54 -15.24
N GLU A 142 14.03 -26.27 -15.60
CA GLU A 142 14.35 -25.16 -14.70
C GLU A 142 13.10 -24.74 -13.95
N LEU A 143 11.99 -25.43 -14.25
CA LEU A 143 10.71 -25.13 -13.62
C LEU A 143 10.22 -26.32 -12.83
N LEU A 144 9.71 -26.08 -11.63
CA LEU A 144 9.21 -27.17 -10.82
C LEU A 144 7.98 -27.75 -11.50
N THR A 145 7.60 -28.94 -11.07
CA THR A 145 6.43 -29.63 -11.60
C THR A 145 5.59 -29.98 -10.38
N GLU A 146 6.28 -30.26 -9.28
CA GLU A 146 5.66 -30.59 -8.01
C GLU A 146 5.41 -29.29 -7.27
N VAL A 147 4.25 -28.69 -7.49
CA VAL A 147 3.91 -27.45 -6.81
C VAL A 147 2.88 -27.67 -5.73
N LYS A 148 3.32 -27.53 -4.48
CA LYS A 148 2.45 -27.71 -3.34
C LYS A 148 2.41 -26.40 -2.53
N PRO A 149 1.32 -25.63 -2.65
CA PRO A 149 1.17 -24.36 -1.93
C PRO A 149 0.67 -24.54 -0.50
N ASN A 150 0.64 -23.45 0.26
CA ASN A 150 0.15 -23.53 1.63
C ASN A 150 -1.30 -24.02 1.56
N PRO A 151 -1.66 -24.97 2.42
CA PRO A 151 -3.04 -25.45 2.35
C PRO A 151 -4.06 -24.40 2.77
N ASN A 152 -3.60 -23.40 3.52
CA ASN A 152 -4.49 -22.35 3.99
C ASN A 152 -4.86 -21.31 2.94
N LEU A 153 -4.27 -21.41 1.76
CA LEU A 153 -4.53 -20.47 0.69
C LEU A 153 -5.78 -20.75 -0.12
N TYR A 154 -6.08 -22.02 -0.31
CA TYR A 154 -7.22 -22.42 -1.11
C TYR A 154 -8.34 -23.13 -0.40
N GLU A 155 -9.52 -23.11 -1.03
CA GLU A 155 -10.72 -23.74 -0.50
C GLU A 155 -10.93 -25.11 -1.13
N VAL B 6 10.78 18.52 -16.77
CA VAL B 6 12.17 18.23 -16.43
C VAL B 6 12.23 17.48 -15.09
N ASN B 7 13.37 16.83 -14.87
CA ASN B 7 13.63 16.04 -13.65
C ASN B 7 14.07 16.93 -12.50
N LYS B 8 13.89 18.23 -12.66
CA LYS B 8 14.27 19.18 -11.63
C LYS B 8 13.05 19.81 -10.97
N GLU B 9 11.89 19.19 -11.15
CA GLU B 9 10.70 19.71 -10.51
C GLU B 9 10.86 19.51 -8.99
N ARG B 10 10.39 20.47 -8.22
CA ARG B 10 10.52 20.35 -6.78
C ARG B 10 9.19 20.62 -6.11
N THR B 11 8.97 20.00 -4.96
CA THR B 11 7.72 20.23 -4.25
C THR B 11 8.03 20.49 -2.80
N PHE B 12 7.08 21.11 -2.11
CA PHE B 12 7.24 21.40 -0.70
C PHE B 12 6.33 20.45 0.07
N LEU B 13 6.89 19.81 1.09
CA LEU B 13 6.15 18.89 1.91
C LEU B 13 6.43 19.25 3.34
N ALA B 14 5.46 19.03 4.21
CA ALA B 14 5.66 19.33 5.61
C ALA B 14 4.93 18.34 6.51
N VAL B 15 5.66 17.81 7.50
CA VAL B 15 5.05 16.89 8.45
C VAL B 15 4.47 17.81 9.51
N LYS B 16 3.14 17.83 9.60
CA LYS B 16 2.47 18.68 10.55
C LYS B 16 2.73 18.20 11.97
N PRO B 17 2.42 19.05 12.97
CA PRO B 17 2.64 18.71 14.38
C PRO B 17 2.19 17.33 14.83
N ASP B 18 1.00 16.90 14.42
CA ASP B 18 0.52 15.59 14.83
C ASP B 18 1.43 14.50 14.27
N GLY B 19 1.84 14.67 13.02
CA GLY B 19 2.72 13.71 12.37
C GLY B 19 4.01 13.61 13.16
N VAL B 20 4.63 14.76 13.40
CA VAL B 20 5.87 14.81 14.16
C VAL B 20 5.68 14.24 15.55
N ALA B 21 4.58 14.59 16.20
CA ALA B 21 4.29 14.11 17.54
C ALA B 21 4.04 12.61 17.60
N ARG B 22 3.43 12.06 16.55
CA ARG B 22 3.16 10.64 16.53
C ARG B 22 4.40 9.82 16.09
N GLY B 23 5.51 10.52 15.83
CA GLY B 23 6.75 9.87 15.44
C GLY B 23 6.76 9.27 14.06
N LEU B 24 6.17 9.97 13.10
CA LEU B 24 6.11 9.49 11.73
C LEU B 24 7.08 10.18 10.78
N VAL B 25 8.00 10.98 11.30
CA VAL B 25 8.92 11.68 10.42
C VAL B 25 9.79 10.76 9.56
N GLY B 26 10.48 9.82 10.20
CA GLY B 26 11.34 8.90 9.47
C GLY B 26 10.57 8.10 8.43
N GLU B 27 9.47 7.51 8.88
CA GLU B 27 8.60 6.72 8.04
C GLU B 27 8.22 7.47 6.75
N ILE B 28 7.75 8.70 6.90
CA ILE B 28 7.35 9.51 5.75
C ILE B 28 8.52 9.83 4.81
N ILE B 29 9.63 10.30 5.38
CA ILE B 29 10.77 10.61 4.55
C ILE B 29 11.18 9.35 3.77
N ALA B 30 11.25 8.23 4.48
CA ALA B 30 11.63 6.97 3.88
C ALA B 30 10.79 6.62 2.64
N ARG B 31 9.51 6.97 2.63
CA ARG B 31 8.70 6.63 1.48
C ARG B 31 9.17 7.35 0.24
N TYR B 32 9.43 8.65 0.37
CA TYR B 32 9.86 9.47 -0.76
C TYR B 32 11.28 9.11 -1.20
N GLU B 33 12.11 8.69 -0.26
CA GLU B 33 13.46 8.26 -0.61
C GLU B 33 13.37 6.97 -1.44
N LYS B 34 12.49 6.07 -1.02
CA LYS B 34 12.29 4.80 -1.71
C LYS B 34 11.71 5.02 -3.11
N LYS B 35 10.92 6.07 -3.25
CA LYS B 35 10.29 6.37 -4.53
C LYS B 35 11.34 6.84 -5.54
N GLY B 36 12.43 7.39 -5.03
CA GLY B 36 13.49 7.86 -5.91
C GLY B 36 13.73 9.35 -5.90
N PHE B 37 12.84 10.10 -5.26
CA PHE B 37 12.99 11.54 -5.20
C PHE B 37 14.19 11.91 -4.32
N VAL B 38 14.81 13.04 -4.61
CA VAL B 38 15.98 13.48 -3.85
C VAL B 38 15.64 14.59 -2.87
N LEU B 39 16.25 14.52 -1.69
CA LEU B 39 16.02 15.52 -0.66
C LEU B 39 16.93 16.74 -0.89
N VAL B 40 16.34 17.87 -1.21
CA VAL B 40 17.13 19.08 -1.45
C VAL B 40 17.06 20.05 -0.27
N GLY B 41 16.03 19.91 0.56
CA GLY B 41 15.89 20.79 1.70
C GLY B 41 15.22 20.08 2.85
N LEU B 42 15.73 20.27 4.07
CA LEU B 42 15.16 19.62 5.24
C LEU B 42 15.47 20.37 6.52
N LYS B 43 14.44 20.62 7.32
CA LYS B 43 14.64 21.29 8.60
C LYS B 43 13.40 21.25 9.48
N GLN B 44 13.61 21.38 10.78
CA GLN B 44 12.52 21.37 11.75
C GLN B 44 12.44 22.76 12.40
N LEU B 45 11.22 23.25 12.60
CA LEU B 45 11.00 24.55 13.20
C LEU B 45 9.60 24.64 13.75
N VAL B 46 9.27 25.77 14.35
CA VAL B 46 7.94 25.97 14.88
C VAL B 46 7.34 27.15 14.15
N PRO B 47 6.48 26.89 13.16
CA PRO B 47 5.85 27.95 12.39
C PRO B 47 5.37 29.14 13.24
N THR B 48 5.58 30.34 12.69
CA THR B 48 5.17 31.58 13.33
C THR B 48 3.82 31.91 12.72
N LYS B 49 2.96 32.59 13.48
CA LYS B 49 1.64 32.92 12.97
C LYS B 49 1.72 33.61 11.60
N ASP B 50 2.82 34.30 11.34
CA ASP B 50 3.01 34.97 10.05
C ASP B 50 3.06 33.88 8.99
N LEU B 51 4.16 33.12 9.01
CA LEU B 51 4.40 32.02 8.09
C LEU B 51 3.16 31.18 7.90
N ALA B 52 2.49 30.86 9.00
CA ALA B 52 1.28 30.05 8.96
C ALA B 52 0.22 30.64 8.04
N GLU B 53 -0.16 31.89 8.29
CA GLU B 53 -1.18 32.55 7.48
C GLU B 53 -0.73 32.77 6.05
N SER B 54 0.56 33.03 5.86
CA SER B 54 1.12 33.24 4.52
C SER B 54 0.98 31.94 3.76
N HIS B 55 1.34 30.84 4.42
CA HIS B 55 1.28 29.52 3.83
C HIS B 55 -0.14 29.16 3.42
N TYR B 56 -1.06 29.19 4.38
CA TYR B 56 -2.46 28.87 4.08
C TYR B 56 -3.28 30.08 3.66
N ALA B 57 -2.62 31.04 3.03
CA ALA B 57 -3.25 32.26 2.57
C ALA B 57 -4.55 32.03 1.80
N GLU B 58 -4.58 30.99 0.97
CA GLU B 58 -5.77 30.72 0.18
C GLU B 58 -7.02 30.33 0.97
N HIS B 59 -6.89 30.11 2.27
CA HIS B 59 -8.05 29.72 3.08
C HIS B 59 -8.45 30.73 4.15
N LYS B 60 -7.86 31.91 4.11
CA LYS B 60 -8.13 32.95 5.11
C LYS B 60 -9.59 33.26 5.34
N GLU B 61 -10.40 33.04 4.33
CA GLU B 61 -11.84 33.30 4.37
C GLU B 61 -12.58 32.00 4.59
N ARG B 62 -11.84 30.93 4.85
CA ARG B 62 -12.45 29.64 5.07
C ARG B 62 -12.71 29.45 6.55
N PRO B 63 -13.86 28.83 6.88
CA PRO B 63 -14.26 28.57 8.26
C PRO B 63 -13.20 27.91 9.15
N PHE B 64 -12.42 27.00 8.58
CA PHE B 64 -11.40 26.27 9.33
C PHE B 64 -10.05 27.01 9.45
N PHE B 65 -9.89 28.12 8.72
CA PHE B 65 -8.63 28.88 8.73
C PHE B 65 -8.18 29.23 10.14
N GLY B 66 -9.13 29.39 11.04
CA GLY B 66 -8.80 29.72 12.40
C GLY B 66 -7.96 28.63 13.05
N GLY B 67 -8.62 27.54 13.41
CA GLY B 67 -7.92 26.42 14.04
C GLY B 67 -6.72 25.92 13.25
N LEU B 68 -6.78 26.02 11.92
CA LEU B 68 -5.68 25.56 11.10
C LEU B 68 -4.39 26.26 11.50
N VAL B 69 -4.35 27.56 11.27
CA VAL B 69 -3.18 28.37 11.60
C VAL B 69 -2.80 28.20 13.08
N SER B 70 -3.82 28.03 13.91
CA SER B 70 -3.63 27.83 15.34
C SER B 70 -2.78 26.58 15.57
N PHE B 71 -3.31 25.45 15.12
CA PHE B 71 -2.67 24.14 15.23
C PHE B 71 -1.29 24.08 14.58
N ILE B 72 -1.22 24.45 13.31
CA ILE B 72 0.02 24.42 12.56
C ILE B 72 1.21 25.08 13.27
N THR B 73 0.93 25.79 14.35
CA THR B 73 1.97 26.48 15.09
C THR B 73 2.02 26.08 16.55
N SER B 74 1.22 25.07 16.90
CA SER B 74 1.17 24.59 18.27
C SER B 74 2.37 23.71 18.60
N GLY B 75 3.21 23.44 17.60
CA GLY B 75 4.39 22.62 17.83
C GLY B 75 5.30 22.51 16.62
N PRO B 76 6.40 21.75 16.73
CA PRO B 76 7.34 21.58 15.62
C PRO B 76 6.73 21.00 14.36
N VAL B 77 7.34 21.38 13.26
CA VAL B 77 6.95 20.95 11.94
C VAL B 77 8.25 20.70 11.20
N VAL B 78 8.36 19.58 10.51
CA VAL B 78 9.58 19.34 9.77
C VAL B 78 9.24 19.58 8.31
N ALA B 79 9.75 20.70 7.79
CA ALA B 79 9.53 21.08 6.41
C ALA B 79 10.64 20.48 5.57
N MET B 80 10.29 20.15 4.32
CA MET B 80 11.26 19.54 3.42
C MET B 80 10.95 19.77 1.94
N VAL B 81 11.98 19.68 1.11
CA VAL B 81 11.82 19.87 -0.32
C VAL B 81 12.41 18.67 -1.05
N PHE B 82 11.60 18.07 -1.91
CA PHE B 82 12.03 16.92 -2.68
C PHE B 82 12.08 17.33 -4.13
N GLU B 83 13.04 16.78 -4.86
CA GLU B 83 13.20 17.07 -6.27
C GLU B 83 13.14 15.81 -7.11
N GLY B 84 12.43 15.88 -8.24
CA GLY B 84 12.34 14.72 -9.10
C GLY B 84 11.27 14.90 -10.17
N LYS B 85 11.33 14.06 -11.19
CA LYS B 85 10.38 14.09 -12.30
C LYS B 85 8.94 14.00 -11.83
N GLY B 86 8.15 15.05 -12.04
CA GLY B 86 6.76 15.05 -11.62
C GLY B 86 6.50 14.80 -10.15
N VAL B 87 7.42 15.26 -9.29
CA VAL B 87 7.33 15.05 -7.85
C VAL B 87 6.10 15.70 -7.19
N VAL B 88 5.67 16.86 -7.69
CA VAL B 88 4.53 17.55 -7.11
C VAL B 88 3.27 16.72 -7.19
N ALA B 89 2.98 16.17 -8.36
CA ALA B 89 1.77 15.35 -8.52
C ALA B 89 1.91 14.00 -7.83
N SER B 90 3.10 13.41 -7.94
CA SER B 90 3.35 12.11 -7.32
C SER B 90 3.27 12.19 -5.79
N ALA B 91 3.86 13.24 -5.22
CA ALA B 91 3.86 13.39 -3.78
C ALA B 91 2.44 13.49 -3.25
N ARG B 92 1.58 14.21 -3.96
CA ARG B 92 0.19 14.35 -3.53
C ARG B 92 -0.47 13.00 -3.54
N LEU B 93 -0.23 12.25 -4.61
CA LEU B 93 -0.80 10.91 -4.78
C LEU B 93 -0.43 9.99 -3.61
N MET B 94 0.83 10.07 -3.21
CA MET B 94 1.32 9.27 -2.11
C MET B 94 0.72 9.72 -0.77
N ILE B 95 0.27 10.96 -0.72
CA ILE B 95 -0.32 11.50 0.50
C ILE B 95 -1.75 11.01 0.69
N GLY B 96 -2.51 11.05 -0.40
CA GLY B 96 -3.91 10.66 -0.35
C GLY B 96 -4.78 11.89 -0.58
N VAL B 97 -5.99 11.87 -0.04
CA VAL B 97 -6.90 13.00 -0.20
C VAL B 97 -7.01 13.75 1.13
N THR B 98 -7.64 14.92 1.12
CA THR B 98 -7.76 15.73 2.34
C THR B 98 -8.30 14.96 3.55
N ASN B 99 -9.29 14.10 3.34
CA ASN B 99 -9.84 13.33 4.44
C ASN B 99 -9.13 11.99 4.53
N PRO B 100 -8.37 11.77 5.62
CA PRO B 100 -7.64 10.53 5.84
C PRO B 100 -8.52 9.30 5.74
N LEU B 101 -9.74 9.39 6.24
CA LEU B 101 -10.66 8.26 6.19
C LEU B 101 -11.01 7.83 4.77
N ALA B 102 -10.97 8.79 3.85
CA ALA B 102 -11.27 8.51 2.45
C ALA B 102 -10.02 8.23 1.63
N SER B 103 -8.86 8.23 2.28
CA SER B 103 -7.61 7.96 1.58
C SER B 103 -7.35 6.47 1.52
N ALA B 104 -6.91 6.01 0.35
CA ALA B 104 -6.65 4.61 0.14
C ALA B 104 -5.49 4.04 0.93
N PRO B 105 -5.57 2.75 1.25
CA PRO B 105 -4.49 2.10 2.00
C PRO B 105 -3.26 2.21 1.10
N GLY B 106 -2.10 2.45 1.69
CA GLY B 106 -0.91 2.58 0.86
C GLY B 106 -0.44 4.00 0.78
N SER B 107 -1.38 4.94 0.89
CA SER B 107 -1.05 6.36 0.88
C SER B 107 -0.75 6.75 2.32
N ILE B 108 -0.06 7.86 2.53
CA ILE B 108 0.29 8.26 3.89
C ILE B 108 -0.94 8.51 4.79
N ARG B 109 -1.86 9.36 4.35
CA ARG B 109 -3.03 9.62 5.17
C ARG B 109 -3.86 8.36 5.31
N GLY B 110 -3.95 7.59 4.24
CA GLY B 110 -4.72 6.37 4.29
C GLY B 110 -4.23 5.40 5.35
N ASP B 111 -2.92 5.37 5.57
CA ASP B 111 -2.34 4.44 6.54
C ASP B 111 -2.21 4.94 7.96
N PHE B 112 -2.22 6.27 8.16
CA PHE B 112 -2.02 6.82 9.50
C PHE B 112 -3.03 7.77 10.11
N GLY B 113 -3.89 8.37 9.31
CA GLY B 113 -4.83 9.34 9.88
C GLY B 113 -6.30 8.97 9.88
N VAL B 114 -7.09 9.73 10.62
CA VAL B 114 -8.53 9.53 10.70
C VAL B 114 -9.31 10.83 10.73
N ASP B 115 -8.64 11.93 11.06
CA ASP B 115 -9.32 13.22 11.14
C ASP B 115 -8.78 14.24 10.16
N VAL B 116 -9.68 14.94 9.46
CA VAL B 116 -9.28 15.95 8.48
C VAL B 116 -8.43 17.04 9.12
N GLY B 117 -8.67 17.30 10.41
CA GLY B 117 -7.91 18.32 11.11
C GLY B 117 -6.51 17.87 11.48
N ARG B 118 -6.34 16.56 11.65
CA ARG B 118 -5.06 15.99 12.02
C ARG B 118 -4.65 15.01 10.92
N ASN B 119 -4.28 15.53 9.76
CA ASN B 119 -3.91 14.63 8.66
C ASN B 119 -2.42 14.43 8.36
N ILE B 120 -1.64 14.37 9.43
CA ILE B 120 -0.20 14.11 9.34
C ILE B 120 0.71 14.95 8.46
N ILE B 121 0.34 15.15 7.22
CA ILE B 121 1.23 15.85 6.33
C ILE B 121 0.52 16.72 5.31
N GLY B 122 1.28 17.68 4.77
CA GLY B 122 0.75 18.56 3.76
C GLY B 122 1.77 18.72 2.65
N GLY B 123 1.31 19.07 1.46
CA GLY B 123 2.23 19.23 0.36
C GLY B 123 1.65 20.06 -0.77
N SER B 124 2.52 20.75 -1.49
CA SER B 124 2.11 21.61 -2.60
C SER B 124 1.20 20.88 -3.58
N ASP B 125 0.14 21.54 -4.03
CA ASP B 125 -0.81 20.95 -4.96
C ASP B 125 -0.58 21.33 -6.43
N SER B 126 0.53 22.03 -6.71
CA SER B 126 0.86 22.44 -8.07
C SER B 126 2.26 23.03 -8.10
N VAL B 127 2.87 23.03 -9.28
CA VAL B 127 4.22 23.59 -9.41
C VAL B 127 4.21 25.04 -8.98
N GLU B 128 3.10 25.71 -9.24
CA GLU B 128 2.94 27.11 -8.86
C GLU B 128 3.03 27.18 -7.35
N SER B 129 2.06 26.59 -6.68
CA SER B 129 2.01 26.57 -5.23
C SER B 129 3.33 26.13 -4.61
N ALA B 130 4.04 25.25 -5.29
CA ALA B 130 5.31 24.76 -4.79
C ALA B 130 6.30 25.91 -4.69
N ASN B 131 6.75 26.38 -5.86
CA ASN B 131 7.70 27.47 -5.94
C ASN B 131 7.41 28.53 -4.90
N ARG B 132 6.15 28.90 -4.78
CA ARG B 132 5.74 29.89 -3.81
C ARG B 132 6.04 29.39 -2.39
N GLU B 133 5.49 28.23 -2.05
CA GLU B 133 5.67 27.68 -0.73
C GLU B 133 7.13 27.38 -0.39
N ILE B 134 7.89 26.97 -1.40
CA ILE B 134 9.30 26.67 -1.15
C ILE B 134 10.00 27.94 -0.71
N ALA B 135 9.97 28.94 -1.59
CA ALA B 135 10.60 30.24 -1.33
C ALA B 135 10.12 30.79 0.01
N LEU B 136 8.84 30.57 0.29
CA LEU B 136 8.22 31.03 1.51
C LEU B 136 8.82 30.38 2.76
N TRP B 137 9.19 29.10 2.67
CA TRP B 137 9.74 28.37 3.81
C TRP B 137 11.25 28.19 3.87
N PHE B 138 11.92 28.23 2.72
CA PHE B 138 13.36 28.04 2.73
C PHE B 138 14.14 29.22 2.16
N LYS B 139 15.33 29.41 2.72
CA LYS B 139 16.22 30.45 2.24
C LYS B 139 17.10 29.76 1.22
N PRO B 140 17.32 30.41 0.06
CA PRO B 140 18.12 29.92 -1.06
C PRO B 140 19.31 29.04 -0.74
N GLU B 141 20.06 29.37 0.31
CA GLU B 141 21.23 28.56 0.66
C GLU B 141 20.92 27.34 1.53
N GLU B 142 19.64 27.15 1.85
CA GLU B 142 19.21 26.00 2.64
C GLU B 142 18.78 24.88 1.68
N LEU B 143 18.88 25.14 0.38
CA LEU B 143 18.50 24.17 -0.63
C LEU B 143 19.71 23.81 -1.47
N LEU B 144 19.88 22.52 -1.75
CA LEU B 144 21.01 22.08 -2.57
C LEU B 144 20.83 22.62 -3.97
N THR B 145 21.92 22.62 -4.73
CA THR B 145 21.91 23.08 -6.12
C THR B 145 22.48 21.93 -6.93
N GLU B 146 23.41 21.22 -6.29
CA GLU B 146 24.06 20.05 -6.89
C GLU B 146 23.19 18.83 -6.57
N VAL B 147 22.23 18.52 -7.44
CA VAL B 147 21.37 17.37 -7.23
C VAL B 147 21.73 16.25 -8.19
N LYS B 148 22.29 15.18 -7.63
CA LYS B 148 22.68 14.02 -8.40
C LYS B 148 21.91 12.80 -7.87
N PRO B 149 20.87 12.35 -8.61
CA PRO B 149 20.06 11.19 -8.21
C PRO B 149 20.70 9.87 -8.62
N ASN B 150 20.09 8.77 -8.19
CA ASN B 150 20.60 7.45 -8.55
C ASN B 150 20.54 7.37 -10.08
N PRO B 151 21.61 6.87 -10.73
CA PRO B 151 21.63 6.76 -12.20
C PRO B 151 20.66 5.72 -12.76
N ASN B 152 20.19 4.84 -11.88
CA ASN B 152 19.26 3.78 -12.24
C ASN B 152 17.82 4.29 -12.21
N LEU B 153 17.68 5.57 -11.93
CA LEU B 153 16.39 6.23 -11.84
C LEU B 153 15.83 6.79 -13.15
N TYR B 154 16.66 7.49 -13.91
CA TYR B 154 16.20 8.09 -15.15
C TYR B 154 16.85 7.56 -16.43
N GLU B 155 16.11 7.68 -17.52
CA GLU B 155 16.56 7.23 -18.83
C GLU B 155 17.14 8.37 -19.63
N VAL C 6 -18.69 13.40 19.68
CA VAL C 6 -18.73 11.94 19.84
C VAL C 6 -18.41 11.18 18.55
N ASN C 7 -17.33 10.40 18.62
CA ASN C 7 -16.88 9.56 17.52
C ASN C 7 -16.20 8.37 18.18
N LYS C 8 -17.03 7.43 18.59
CA LYS C 8 -16.54 6.24 19.26
C LYS C 8 -17.05 5.02 18.51
N GLU C 9 -17.52 5.26 17.28
CA GLU C 9 -18.02 4.19 16.41
C GLU C 9 -17.10 2.98 16.61
N ARG C 10 -17.67 1.80 16.75
CA ARG C 10 -16.87 0.61 16.93
C ARG C 10 -17.21 -0.41 15.86
N THR C 11 -16.26 -1.25 15.52
CA THR C 11 -16.52 -2.27 14.52
C THR C 11 -16.01 -3.61 15.02
N PHE C 12 -16.50 -4.68 14.42
CA PHE C 12 -16.07 -6.00 14.80
C PHE C 12 -15.23 -6.54 13.66
N LEU C 13 -14.06 -7.07 14.00
CA LEU C 13 -13.17 -7.63 13.00
C LEU C 13 -12.75 -8.97 13.53
N ALA C 14 -12.47 -9.89 12.62
CA ALA C 14 -12.03 -11.22 13.05
C ALA C 14 -11.05 -11.82 12.06
N VAL C 15 -9.93 -12.31 12.60
CA VAL C 15 -8.94 -12.96 11.77
C VAL C 15 -9.43 -14.39 11.67
N LYS C 16 -9.82 -14.79 10.47
CA LYS C 16 -10.31 -16.14 10.23
C LYS C 16 -9.20 -17.17 10.40
N PRO C 17 -9.56 -18.45 10.52
CA PRO C 17 -8.58 -19.53 10.70
C PRO C 17 -7.36 -19.51 9.79
N ASP C 18 -7.55 -19.26 8.50
CA ASP C 18 -6.42 -19.22 7.56
C ASP C 18 -5.47 -18.09 7.94
N GLY C 19 -6.05 -16.94 8.29
CA GLY C 19 -5.25 -15.79 8.69
C GLY C 19 -4.42 -16.19 9.89
N VAL C 20 -5.09 -16.67 10.94
CA VAL C 20 -4.42 -17.09 12.16
C VAL C 20 -3.38 -18.17 11.86
N ALA C 21 -3.73 -19.12 11.02
CA ALA C 21 -2.82 -20.20 10.68
C ALA C 21 -1.62 -19.73 9.89
N ARG C 22 -1.80 -18.69 9.07
CA ARG C 22 -0.70 -18.20 8.27
C ARG C 22 0.18 -17.21 9.03
N GLY C 23 -0.17 -17.02 10.30
CA GLY C 23 0.59 -16.13 11.16
C GLY C 23 0.50 -14.65 10.85
N LEU C 24 -0.69 -14.19 10.50
CA LEU C 24 -0.92 -12.80 10.16
C LEU C 24 -1.63 -12.00 11.24
N VAL C 25 -1.74 -12.54 12.45
CA VAL C 25 -2.45 -11.82 13.49
C VAL C 25 -1.79 -10.51 13.86
N GLY C 26 -0.51 -10.56 14.20
CA GLY C 26 0.21 -9.35 14.57
C GLY C 26 0.17 -8.31 13.47
N GLU C 27 0.53 -8.73 12.27
CA GLU C 27 0.56 -7.87 11.11
C GLU C 27 -0.76 -7.09 10.96
N ILE C 28 -1.89 -7.81 10.99
CA ILE C 28 -3.20 -7.19 10.84
C ILE C 28 -3.53 -6.21 11.97
N ILE C 29 -3.29 -6.61 13.21
CA ILE C 29 -3.57 -5.73 14.33
C ILE C 29 -2.74 -4.45 14.18
N ALA C 30 -1.47 -4.64 13.86
CA ALA C 30 -0.54 -3.54 13.67
C ALA C 30 -1.04 -2.49 12.68
N ARG C 31 -1.74 -2.91 11.64
CA ARG C 31 -2.23 -1.94 10.67
C ARG C 31 -3.25 -1.00 11.27
N TYR C 32 -4.20 -1.56 12.00
CA TYR C 32 -5.25 -0.76 12.62
C TYR C 32 -4.70 0.09 13.75
N GLU C 33 -3.66 -0.41 14.43
CA GLU C 33 -3.03 0.38 15.49
C GLU C 33 -2.36 1.60 14.85
N LYS C 34 -1.67 1.36 13.74
CA LYS C 34 -0.98 2.42 13.01
C LYS C 34 -1.96 3.45 12.47
N LYS C 35 -3.15 3.00 12.13
CA LYS C 35 -4.17 3.88 11.58
C LYS C 35 -4.70 4.85 12.64
N GLY C 36 -4.58 4.45 13.91
CA GLY C 36 -5.03 5.31 14.99
C GLY C 36 -6.21 4.78 15.78
N PHE C 37 -6.83 3.71 15.28
CA PHE C 37 -7.98 3.13 15.97
C PHE C 37 -7.52 2.49 17.27
N VAL C 38 -8.41 2.46 18.26
CA VAL C 38 -8.09 1.88 19.57
C VAL C 38 -8.70 0.51 19.77
N LEU C 39 -7.93 -0.39 20.39
CA LEU C 39 -8.40 -1.74 20.63
C LEU C 39 -9.22 -1.78 21.91
N VAL C 40 -10.51 -2.06 21.78
CA VAL C 40 -11.39 -2.13 22.94
C VAL C 40 -11.72 -3.57 23.33
N GLY C 41 -11.56 -4.51 22.40
CA GLY C 41 -11.83 -5.89 22.71
C GLY C 41 -10.91 -6.80 21.92
N LEU C 42 -10.38 -7.84 22.56
CA LEU C 42 -9.49 -8.76 21.87
C LEU C 42 -9.47 -10.13 22.53
N LYS C 43 -9.64 -11.19 21.75
CA LYS C 43 -9.59 -12.54 22.28
C LYS C 43 -9.55 -13.61 21.19
N GLN C 44 -9.01 -14.77 21.54
CA GLN C 44 -8.93 -15.88 20.60
C GLN C 44 -9.82 -17.00 21.11
N LEU C 45 -10.52 -17.66 20.18
CA LEU C 45 -11.42 -18.75 20.52
C LEU C 45 -11.69 -19.61 19.29
N VAL C 46 -12.48 -20.66 19.49
CA VAL C 46 -12.84 -21.53 18.39
C VAL C 46 -14.34 -21.45 18.22
N PRO C 47 -14.83 -20.66 17.26
CA PRO C 47 -16.26 -20.51 17.03
C PRO C 47 -17.03 -21.83 17.10
N THR C 48 -18.21 -21.76 17.71
CA THR C 48 -19.10 -22.91 17.84
C THR C 48 -20.06 -22.82 16.67
N LYS C 49 -20.57 -23.95 16.19
CA LYS C 49 -21.49 -23.93 15.07
C LYS C 49 -22.65 -22.96 15.30
N ASP C 50 -22.99 -22.72 16.57
CA ASP C 50 -24.07 -21.77 16.89
C ASP C 50 -23.62 -20.40 16.45
N LEU C 51 -22.61 -19.90 17.16
CA LEU C 51 -22.01 -18.59 16.91
C LEU C 51 -21.77 -18.38 15.42
N ALA C 52 -21.22 -19.40 14.77
CA ALA C 52 -20.93 -19.33 13.35
C ALA C 52 -22.16 -18.99 12.53
N GLU C 53 -23.22 -19.78 12.66
CA GLU C 53 -24.46 -19.55 11.92
C GLU C 53 -25.13 -18.24 12.31
N SER C 54 -25.03 -17.87 13.58
CA SER C 54 -25.64 -16.63 14.06
C SER C 54 -24.92 -15.47 13.37
N HIS C 55 -23.59 -15.58 13.34
CA HIS C 55 -22.77 -14.55 12.73
C HIS C 55 -23.11 -14.38 11.26
N TYR C 56 -22.98 -15.46 10.50
CA TYR C 56 -23.28 -15.38 9.07
C TYR C 56 -24.74 -15.67 8.75
N ALA C 57 -25.62 -15.29 9.68
CA ALA C 57 -27.05 -15.52 9.52
C ALA C 57 -27.60 -15.05 8.18
N GLU C 58 -27.12 -13.92 7.69
CA GLU C 58 -27.59 -13.37 6.43
C GLU C 58 -27.30 -14.22 5.19
N HIS C 59 -26.51 -15.28 5.32
CA HIS C 59 -26.18 -16.11 4.16
C HIS C 59 -26.67 -17.56 4.27
N LYS C 60 -27.52 -17.83 5.26
CA LYS C 60 -28.03 -19.19 5.48
C LYS C 60 -28.63 -19.89 4.26
N GLU C 61 -29.16 -19.16 3.29
CA GLU C 61 -29.74 -19.80 2.11
C GLU C 61 -28.79 -19.79 0.93
N ARG C 62 -27.66 -19.09 1.09
CA ARG C 62 -26.66 -18.98 0.05
C ARG C 62 -25.93 -20.30 -0.07
N PRO C 63 -25.60 -20.70 -1.30
CA PRO C 63 -24.90 -21.95 -1.62
C PRO C 63 -23.55 -22.19 -0.95
N PHE C 64 -22.93 -21.14 -0.41
CA PHE C 64 -21.63 -21.27 0.24
C PHE C 64 -21.74 -21.37 1.74
N PHE C 65 -22.87 -20.95 2.28
CA PHE C 65 -23.10 -20.96 3.70
C PHE C 65 -22.64 -22.24 4.36
N GLY C 66 -22.66 -23.32 3.60
CA GLY C 66 -22.23 -24.60 4.13
C GLY C 66 -20.78 -24.55 4.54
N GLY C 67 -19.89 -24.62 3.54
CA GLY C 67 -18.46 -24.58 3.83
C GLY C 67 -18.01 -23.40 4.68
N LEU C 68 -18.70 -22.27 4.55
CA LEU C 68 -18.35 -21.10 5.33
C LEU C 68 -18.36 -21.45 6.80
N VAL C 69 -19.55 -21.72 7.33
CA VAL C 69 -19.71 -22.07 8.74
C VAL C 69 -18.80 -23.23 9.13
N SER C 70 -18.60 -24.14 8.20
CA SER C 70 -17.75 -25.30 8.41
C SER C 70 -16.33 -24.83 8.74
N PHE C 71 -15.73 -24.12 7.80
CA PHE C 71 -14.38 -23.56 7.90
C PHE C 71 -14.17 -22.63 9.10
N ILE C 72 -15.04 -21.62 9.21
CA ILE C 72 -14.97 -20.64 10.29
C ILE C 72 -14.86 -21.25 11.69
N THR C 73 -15.05 -22.57 11.77
CA THR C 73 -15.00 -23.25 13.06
C THR C 73 -13.99 -24.40 13.05
N SER C 74 -13.23 -24.51 11.97
CA SER C 74 -12.23 -25.56 11.83
C SER C 74 -10.97 -25.24 12.63
N GLY C 75 -10.94 -24.05 13.23
CA GLY C 75 -9.78 -23.65 13.99
C GLY C 75 -9.94 -22.31 14.71
N PRO C 76 -8.91 -21.87 15.44
CA PRO C 76 -8.97 -20.61 16.17
C PRO C 76 -9.23 -19.38 15.29
N VAL C 77 -9.85 -18.40 15.92
CA VAL C 77 -10.19 -17.15 15.29
C VAL C 77 -9.91 -16.10 16.35
N VAL C 78 -9.24 -15.02 15.97
CA VAL C 78 -9.01 -13.99 16.95
C VAL C 78 -9.97 -12.83 16.62
N ALA C 79 -10.98 -12.69 17.47
CA ALA C 79 -11.98 -11.66 17.30
C ALA C 79 -11.51 -10.42 18.02
N MET C 80 -11.90 -9.26 17.50
CA MET C 80 -11.49 -8.01 18.11
C MET C 80 -12.43 -6.85 17.78
N VAL C 81 -12.40 -5.83 18.64
CA VAL C 81 -13.23 -4.65 18.46
C VAL C 81 -12.35 -3.41 18.50
N PHE C 82 -12.49 -2.59 17.46
CA PHE C 82 -11.73 -1.36 17.36
C PHE C 82 -12.69 -0.20 17.45
N GLU C 83 -12.25 0.88 18.07
CA GLU C 83 -13.08 2.06 18.22
C GLU C 83 -12.41 3.29 17.63
N GLY C 84 -13.19 4.10 16.93
CA GLY C 84 -12.64 5.32 16.34
C GLY C 84 -13.58 5.93 15.32
N LYS C 85 -13.33 7.19 15.01
CA LYS C 85 -14.12 7.95 14.05
C LYS C 85 -14.27 7.23 12.69
N GLY C 86 -15.49 6.80 12.37
CA GLY C 86 -15.74 6.12 11.10
C GLY C 86 -14.94 4.85 10.90
N VAL C 87 -14.67 4.13 11.99
CA VAL C 87 -13.90 2.89 11.92
C VAL C 87 -14.53 1.76 11.09
N VAL C 88 -15.86 1.65 11.11
CA VAL C 88 -16.54 0.60 10.35
C VAL C 88 -16.25 0.69 8.85
N ALA C 89 -16.40 1.89 8.29
CA ALA C 89 -16.16 2.10 6.87
C ALA C 89 -14.69 2.03 6.55
N SER C 90 -13.86 2.62 7.40
CA SER C 90 -12.42 2.62 7.18
C SER C 90 -11.85 1.20 7.24
N ALA C 91 -12.27 0.44 8.24
CA ALA C 91 -11.78 -0.92 8.40
C ALA C 91 -12.06 -1.76 7.17
N ARG C 92 -13.26 -1.60 6.60
CA ARG C 92 -13.61 -2.36 5.42
C ARG C 92 -12.67 -1.98 4.28
N LEU C 93 -12.44 -0.67 4.11
CA LEU C 93 -11.57 -0.14 3.08
C LEU C 93 -10.16 -0.74 3.17
N MET C 94 -9.65 -0.84 4.38
CA MET C 94 -8.34 -1.40 4.63
C MET C 94 -8.30 -2.90 4.35
N ILE C 95 -9.47 -3.53 4.40
CA ILE C 95 -9.57 -4.96 4.17
C ILE C 95 -9.54 -5.29 2.68
N GLY C 96 -10.28 -4.50 1.90
CA GLY C 96 -10.35 -4.72 0.47
C GLY C 96 -11.75 -5.17 0.09
N VAL C 97 -11.86 -5.95 -0.98
CA VAL C 97 -13.17 -6.45 -1.40
C VAL C 97 -13.24 -7.94 -1.12
N THR C 98 -14.43 -8.52 -1.24
CA THR C 98 -14.61 -9.96 -0.95
C THR C 98 -13.60 -10.88 -1.66
N ASN C 99 -13.29 -10.58 -2.91
CA ASN C 99 -12.31 -11.40 -3.63
C ASN C 99 -10.91 -10.80 -3.48
N PRO C 100 -10.02 -11.50 -2.77
CA PRO C 100 -8.64 -11.06 -2.55
C PRO C 100 -7.94 -10.68 -3.85
N LEU C 101 -8.17 -11.46 -4.90
CA LEU C 101 -7.52 -11.19 -6.17
C LEU C 101 -7.89 -9.84 -6.76
N ALA C 102 -9.09 -9.37 -6.44
CA ALA C 102 -9.56 -8.10 -6.94
C ALA C 102 -9.28 -6.97 -5.96
N SER C 103 -8.65 -7.29 -4.83
CA SER C 103 -8.37 -6.27 -3.85
C SER C 103 -7.06 -5.56 -4.16
N ALA C 104 -7.06 -4.25 -4.03
CA ALA C 104 -5.89 -3.44 -4.33
C ALA C 104 -4.70 -3.67 -3.41
N PRO C 105 -3.48 -3.47 -3.95
CA PRO C 105 -2.27 -3.64 -3.14
C PRO C 105 -2.40 -2.61 -2.03
N GLY C 106 -1.97 -2.95 -0.83
CA GLY C 106 -2.07 -1.99 0.25
C GLY C 106 -3.16 -2.35 1.24
N SER C 107 -4.19 -3.02 0.74
CA SER C 107 -5.30 -3.47 1.57
C SER C 107 -4.89 -4.85 2.10
N ILE C 108 -5.54 -5.32 3.16
CA ILE C 108 -5.16 -6.62 3.73
C ILE C 108 -5.35 -7.80 2.78
N ARG C 109 -6.53 -7.95 2.20
CA ARG C 109 -6.74 -9.05 1.30
C ARG C 109 -5.89 -8.88 0.07
N GLY C 110 -5.75 -7.65 -0.38
CA GLY C 110 -4.94 -7.41 -1.57
C GLY C 110 -3.50 -7.86 -1.40
N ASP C 111 -2.96 -7.74 -0.19
CA ASP C 111 -1.58 -8.11 0.06
C ASP C 111 -1.34 -9.55 0.48
N PHE C 112 -2.37 -10.23 0.99
CA PHE C 112 -2.16 -11.60 1.48
C PHE C 112 -3.01 -12.75 0.97
N GLY C 113 -4.15 -12.45 0.35
CA GLY C 113 -5.00 -13.54 -0.10
C GLY C 113 -5.15 -13.73 -1.60
N VAL C 114 -5.69 -14.88 -1.98
CA VAL C 114 -5.92 -15.19 -3.39
C VAL C 114 -7.25 -15.90 -3.62
N ASP C 115 -7.83 -16.47 -2.57
CA ASP C 115 -9.08 -17.20 -2.71
C ASP C 115 -10.20 -16.59 -1.89
N VAL C 116 -11.38 -16.47 -2.49
CA VAL C 116 -12.53 -15.90 -1.82
C VAL C 116 -12.92 -16.69 -0.56
N GLY C 117 -12.62 -18.00 -0.59
CA GLY C 117 -12.94 -18.85 0.54
C GLY C 117 -11.98 -18.68 1.69
N ARG C 118 -10.75 -18.30 1.35
CA ARG C 118 -9.70 -18.09 2.34
C ARG C 118 -9.25 -16.64 2.27
N ASN C 119 -10.08 -15.70 2.71
CA ASN C 119 -9.68 -14.31 2.62
C ASN C 119 -9.19 -13.62 3.90
N ILE C 120 -8.44 -14.37 4.70
CA ILE C 120 -7.80 -13.86 5.91
C ILE C 120 -8.62 -13.20 7.01
N ILE C 121 -9.46 -12.24 6.65
CA ILE C 121 -10.17 -11.50 7.67
C ILE C 121 -11.59 -11.10 7.28
N GLY C 122 -12.38 -10.81 8.29
CA GLY C 122 -13.74 -10.36 8.07
C GLY C 122 -14.03 -9.18 8.97
N GLY C 123 -14.99 -8.35 8.59
CA GLY C 123 -15.34 -7.20 9.40
C GLY C 123 -16.73 -6.66 9.11
N SER C 124 -17.36 -6.10 10.12
CA SER C 124 -18.70 -5.54 9.98
C SER C 124 -18.79 -4.59 8.81
N ASP C 125 -19.88 -4.70 8.05
CA ASP C 125 -20.09 -3.85 6.87
C ASP C 125 -21.00 -2.64 7.11
N SER C 126 -21.36 -2.40 8.37
CA SER C 126 -22.21 -1.26 8.73
C SER C 126 -22.29 -1.13 10.24
N VAL C 127 -22.61 0.06 10.72
CA VAL C 127 -22.72 0.28 12.16
C VAL C 127 -23.76 -0.69 12.74
N GLU C 128 -24.80 -0.97 11.95
CA GLU C 128 -25.85 -1.89 12.37
C GLU C 128 -25.22 -3.24 12.60
N SER C 129 -24.71 -3.84 11.51
CA SER C 129 -24.07 -5.14 11.57
C SER C 129 -23.02 -5.23 12.68
N ALA C 130 -22.35 -4.11 12.95
CA ALA C 130 -21.32 -4.06 13.97
C ALA C 130 -21.96 -4.35 15.33
N ASN C 131 -22.73 -3.39 15.83
CA ASN C 131 -23.40 -3.53 17.11
C ASN C 131 -23.91 -4.93 17.33
N ARG C 132 -24.55 -5.47 16.30
CA ARG C 132 -25.09 -6.81 16.38
C ARG C 132 -23.96 -7.82 16.58
N GLU C 133 -22.99 -7.81 15.66
CA GLU C 133 -21.88 -8.75 15.73
C GLU C 133 -21.02 -8.59 16.98
N ILE C 134 -20.87 -7.35 17.46
CA ILE C 134 -20.08 -7.12 18.65
C ILE C 134 -20.75 -7.84 19.81
N ALA C 135 -21.98 -7.45 20.11
CA ALA C 135 -22.78 -8.05 21.19
C ALA C 135 -22.81 -9.56 21.05
N LEU C 136 -22.87 -10.01 19.81
CA LEU C 136 -22.92 -11.42 19.50
C LEU C 136 -21.62 -12.15 19.91
N TRP C 137 -20.47 -11.49 19.74
CA TRP C 137 -19.18 -12.10 20.08
C TRP C 137 -18.54 -11.74 21.41
N PHE C 138 -18.88 -10.59 21.95
CA PHE C 138 -18.28 -10.18 23.22
C PHE C 138 -19.27 -9.95 24.33
N LYS C 139 -18.83 -10.24 25.55
CA LYS C 139 -19.64 -10.02 26.73
C LYS C 139 -19.25 -8.63 27.20
N PRO C 140 -20.23 -7.79 27.53
CA PRO C 140 -20.07 -6.41 28.00
C PRO C 140 -18.82 -6.07 28.80
N GLU C 141 -18.40 -6.95 29.71
CA GLU C 141 -17.20 -6.70 30.51
C GLU C 141 -15.89 -7.10 29.83
N GLU C 142 -15.99 -7.59 28.60
CA GLU C 142 -14.80 -7.96 27.82
C GLU C 142 -14.41 -6.78 26.94
N LEU C 143 -15.18 -5.69 27.03
CA LEU C 143 -14.93 -4.48 26.25
C LEU C 143 -14.62 -3.31 27.15
N LEU C 144 -13.61 -2.53 26.79
CA LEU C 144 -13.25 -1.38 27.60
C LEU C 144 -14.38 -0.37 27.54
N THR C 145 -14.38 0.57 28.48
CA THR C 145 -15.39 1.61 28.55
C THR C 145 -14.60 2.92 28.59
N GLU C 146 -13.43 2.85 29.22
CA GLU C 146 -12.53 3.98 29.32
C GLU C 146 -11.62 3.97 28.10
N VAL C 147 -12.04 4.64 27.03
CA VAL C 147 -11.24 4.69 25.81
C VAL C 147 -10.61 6.06 25.64
N LYS C 148 -9.29 6.10 25.79
CA LYS C 148 -8.54 7.34 25.66
C LYS C 148 -7.52 7.16 24.53
N PRO C 149 -7.79 7.75 23.35
CA PRO C 149 -6.89 7.66 22.20
C PRO C 149 -5.75 8.68 22.25
N ASN C 150 -4.82 8.57 21.30
CA ASN C 150 -3.72 9.52 21.25
C ASN C 150 -4.35 10.91 21.09
N PRO C 151 -3.92 11.87 21.91
CA PRO C 151 -4.44 13.24 21.85
C PRO C 151 -4.02 14.00 20.60
N ASN C 152 -3.30 13.33 19.71
CA ASN C 152 -2.82 13.91 18.46
C ASN C 152 -3.70 13.49 17.29
N LEU C 153 -4.49 12.45 17.50
CA LEU C 153 -5.37 11.89 16.47
C LEU C 153 -6.60 12.71 16.08
N TYR C 154 -7.21 13.40 17.05
CA TYR C 154 -8.40 14.19 16.76
C TYR C 154 -8.24 15.63 17.19
N GLU C 155 -9.08 16.52 16.65
CA GLU C 155 -9.03 17.93 17.03
C GLU C 155 -10.33 18.38 17.69
MG MG D . 4.05 -5.53 -21.98
PG RTP E . 6.87 -5.37 -19.61
O1G RTP E . 8.27 -4.91 -19.46
O2G RTP E . 6.43 -6.54 -18.79
O3G RTP E . 6.68 -5.46 -21.09
O3B RTP E . 5.93 -4.15 -19.13
PB RTP E . 4.66 -3.23 -19.53
O1B RTP E . 3.59 -4.09 -20.11
O2B RTP E . 4.33 -2.37 -18.37
O3A RTP E . 5.16 -2.26 -20.69
PA RTP E . 5.02 -2.30 -22.28
O1A RTP E . 3.98 -1.34 -22.72
O2A RTP E . 4.96 -3.72 -22.73
O5' RTP E . 6.44 -1.72 -22.67
C5' RTP E . 7.62 -2.45 -22.37
C4' RTP E . 8.56 -1.60 -21.56
O4' RTP E . 9.14 -0.57 -22.40
C1' RTP E . 9.18 0.67 -21.70
N1 RTP E . 8.26 1.58 -22.36
N2 RTP E . 8.48 2.90 -22.64
N3 RTP E . 8.25 5.49 -23.50
C6 RTP E . 7.12 4.68 -23.72
O3 RTP E . 6.12 5.16 -24.26
C3 RTP E . 7.32 3.36 -23.26
N4 RTP E . 6.40 2.32 -23.37
C5 RTP E . 6.99 1.29 -22.82
C2' RTP E . 8.81 0.40 -20.24
O2' RTP E . 9.98 0.12 -19.51
C3' RTP E . 7.92 -0.81 -20.44
O3' RTP E . 7.81 -1.60 -19.25
PG RTP F . -2.15 21.02 2.74
O1G RTP F . -1.92 21.25 4.19
O2G RTP F . -1.26 20.05 2.04
O3G RTP F . -2.21 22.20 1.85
O3B RTP F . -3.61 20.35 2.65
PB RTP F . -4.57 19.82 1.47
O1B RTP F . -4.08 20.39 0.19
O2B RTP F . -4.74 18.35 1.59
O3A RTP F . -6.00 20.44 1.78
PA RTP F . -6.42 21.97 1.77
O1A RTP F . -7.75 22.05 1.12
O2A RTP F . -5.28 22.75 1.22
O5' RTP F . -6.53 22.35 3.32
C5' RTP F . -5.36 22.59 4.10
C4' RTP F . -5.46 21.91 5.45
O4' RTP F . -6.56 22.49 6.22
C1' RTP F . -7.33 21.46 6.85
N1 RTP F . -8.60 21.40 6.15
N2 RTP F . -9.84 21.23 6.70
N3 RTP F . -12.53 20.91 7.05
C6 RTP F . -12.12 21.07 5.72
O3 RTP F . -12.96 21.05 4.79
C3 RTP F . -10.72 21.23 5.63
N4 RTP F . -10.03 21.42 4.44
C5 RTP F . -8.79 21.51 4.80
C2' RTP F . -6.56 20.15 6.70
O2' RTP F . -5.73 19.95 7.84
C3' RTP F . -5.80 20.43 5.42
O3' RTP F . -4.61 19.66 5.29
PG RTP G . -17.17 -10.88 6.25
O1G RTP G . -16.33 -12.10 6.42
O2G RTP G . -17.01 -9.78 7.24
O3G RTP G . -18.55 -11.39 6.01
O3B RTP G . -16.72 -10.25 4.85
PB RTP G . -17.47 -9.78 3.51
O1B RTP G . -18.57 -8.85 3.89
O2B RTP G . -16.48 -9.36 2.50
O3A RTP G . -18.12 -11.13 2.97
PA RTP G . -19.65 -11.58 2.86
O1A RTP G . -20.14 -11.18 1.53
O2A RTP G . -20.35 -11.13 4.09
O5' RTP G . -19.47 -13.17 2.90
C5' RTP G . -18.87 -13.81 4.03
C4' RTP G . -17.72 -14.69 3.59
O4' RTP G . -18.21 -15.77 2.74
C1' RTP G . -17.28 -16.06 1.70
N1 RTP G . -17.93 -15.73 0.43
N2 RTP G . -17.82 -16.42 -0.75
N3 RTP G . -18.06 -17.21 -3.37
C6 RTP G . -18.76 -16.05 -3.03
O3 RTP G . -19.42 -15.46 -3.89
C3 RTP G . -18.59 -15.71 -1.66
N4 RTP G . -19.18 -14.61 -1.04
C5 RTP G . -18.76 -14.67 0.19
C2' RTP G . -16.04 -15.20 1.92
O2' RTP G . -15.07 -15.94 2.63
C3' RTP G . -16.65 -14.05 2.73
O3' RTP G . -15.68 -13.35 3.49
MG MG H . -3.51 23.12 0.66
MG MG I . -20.30 -9.41 5.56
#